data_2FOR
#
_entry.id   2FOR
#
_cell.length_a   75.664
_cell.length_b   75.664
_cell.length_c   216.660
_cell.angle_alpha   90.00
_cell.angle_beta   90.00
_cell.angle_gamma   120.00
#
_symmetry.space_group_name_H-M   'P 61'
#
loop_
_entity.id
_entity.type
_entity.pdbx_description
1 polymer Geranyltranstransferase
2 non-polymer 'PHOSPHATE ION'
3 non-polymer 'ISOPENTYL PYROPHOSPHATE'
4 water water
#
_entity_poly.entity_id   1
_entity_poly.type   'polypeptide(L)'
_entity_poly.pdbx_seq_one_letter_code
;MHHHHHHSSGVDLGTENLYFQSNAMDFPQQLEACVKQANQALSRFIAPLPFQNTPVVETMQYGALLGGKRLRPFLVYATG
HMFGVSTNTLDAPAAAVECIHAYSLIHDDLPAMDDDDLRRGLPTCHVKFGEANAILAGDALQTLAFSILSDANMPEVSDR
DRISMISELASASGIAGMCGGQALDLDAEGKHVPLDALERIHRHKTGALIRAAVRLGALSAGDKGRRALPVLDKYAESIG
LAFQVQDDILDVVGDTATLGKRQGADQQLGKSTYPALLGLEQARKKARDLIDDARQALKQLAEQSLDTSALEALADYIIQ
RNK
;
_entity_poly.pdbx_strand_id   A,B
#
loop_
_chem_comp.id
_chem_comp.type
_chem_comp.name
_chem_comp.formula
IPR non-polymer 'ISOPENTYL PYROPHOSPHATE' 'C5 H14 O7 P2'
PO4 non-polymer 'PHOSPHATE ION' 'O4 P -3'
#
# COMPACT_ATOMS: atom_id res chain seq x y z
N ASP A 26 -12.39 18.42 30.11
CA ASP A 26 -13.37 17.95 29.10
C ASP A 26 -12.68 17.38 27.86
N PHE A 27 -11.48 17.89 27.56
CA PHE A 27 -10.73 17.41 26.40
C PHE A 27 -10.30 15.94 26.54
N PRO A 28 -9.86 15.51 27.75
CA PRO A 28 -9.56 14.08 27.89
C PRO A 28 -10.79 13.21 27.59
N GLN A 29 -12.00 13.76 27.79
CA GLN A 29 -13.25 13.06 27.46
C GLN A 29 -13.55 13.09 25.96
N GLN A 30 -13.16 14.18 25.28
CA GLN A 30 -13.32 14.29 23.83
C GLN A 30 -12.38 13.31 23.13
N LEU A 31 -11.23 13.07 23.76
CA LEU A 31 -10.28 12.10 23.21
C LEU A 31 -10.85 10.70 23.27
N GLU A 32 -11.39 10.31 24.42
CA GLU A 32 -11.99 8.99 24.61
C GLU A 32 -13.16 8.82 23.64
N ALA A 33 -13.87 9.91 23.36
CA ALA A 33 -14.99 9.91 22.43
C ALA A 33 -14.49 9.68 21.00
N CYS A 34 -13.46 10.41 20.59
N CYS A 34 -13.45 10.40 20.62
CA CYS A 34 -12.91 10.23 19.24
CA CYS A 34 -12.85 10.26 19.29
C CYS A 34 -12.24 8.87 19.05
C CYS A 34 -12.30 8.85 19.08
N VAL A 35 -11.75 8.29 20.14
CA VAL A 35 -11.14 6.94 20.10
C VAL A 35 -12.23 5.91 19.79
N LYS A 36 -13.33 5.93 20.56
CA LYS A 36 -14.44 5.00 20.37
C LYS A 36 -15.00 5.11 18.96
N GLN A 37 -15.00 6.34 18.45
CA GLN A 37 -15.49 6.65 17.13
C GLN A 37 -14.58 6.13 16.03
N ALA A 38 -13.27 6.38 16.17
CA ALA A 38 -12.27 5.92 15.21
C ALA A 38 -12.28 4.40 15.12
N ASN A 39 -12.48 3.75 16.27
CA ASN A 39 -12.58 2.30 16.36
C ASN A 39 -13.80 1.83 15.60
N GLN A 40 -14.94 2.48 15.82
CA GLN A 40 -16.13 2.16 15.06
C GLN A 40 -15.83 2.24 13.57
N ALA A 41 -15.21 3.35 13.16
CA ALA A 41 -14.84 3.60 11.77
C ALA A 41 -14.00 2.46 11.23
N LEU A 42 -12.96 2.11 11.99
CA LEU A 42 -12.05 1.04 11.67
C LEU A 42 -12.74 -0.30 11.52
N SER A 43 -13.60 -0.64 12.47
CA SER A 43 -14.35 -1.88 12.40
C SER A 43 -15.27 -1.88 11.19
N ARG A 44 -15.86 -0.72 10.86
CA ARG A 44 -16.76 -0.59 9.69
C ARG A 44 -16.10 -1.11 8.42
N PHE A 45 -14.82 -0.79 8.28
CA PHE A 45 -14.06 -1.16 7.10
C PHE A 45 -13.34 -2.50 7.21
N ILE A 46 -13.07 -2.97 8.43
CA ILE A 46 -12.42 -4.27 8.63
C ILE A 46 -13.42 -5.43 8.69
N ALA A 47 -14.52 -5.25 9.44
CA ALA A 47 -15.50 -6.33 9.62
C ALA A 47 -16.12 -6.99 8.39
N PRO A 48 -16.40 -6.24 7.31
CA PRO A 48 -17.02 -6.91 6.18
C PRO A 48 -16.02 -7.50 5.20
N LEU A 49 -14.74 -7.44 5.51
CA LEU A 49 -13.71 -8.02 4.65
C LEU A 49 -13.89 -9.53 4.63
N PRO A 50 -13.49 -10.19 3.53
CA PRO A 50 -13.67 -11.64 3.54
C PRO A 50 -12.56 -12.33 4.35
N PHE A 51 -12.72 -13.63 4.58
CA PHE A 51 -11.75 -14.43 5.33
C PHE A 51 -11.64 -14.00 6.80
N GLN A 52 -12.75 -13.53 7.37
CA GLN A 52 -12.83 -13.12 8.78
C GLN A 52 -12.32 -14.17 9.76
N ASN A 53 -12.37 -15.44 9.38
CA ASN A 53 -11.93 -16.50 10.28
C ASN A 53 -10.56 -17.06 9.94
N THR A 54 -9.66 -16.17 9.55
CA THR A 54 -8.30 -16.53 9.23
C THR A 54 -7.37 -15.71 10.13
N PRO A 55 -6.28 -16.35 10.62
CA PRO A 55 -5.24 -15.69 11.39
C PRO A 55 -4.84 -14.30 10.86
N VAL A 56 -4.58 -14.19 9.55
CA VAL A 56 -4.16 -12.91 8.97
C VAL A 56 -5.18 -11.82 9.30
N VAL A 57 -6.46 -12.11 9.11
CA VAL A 57 -7.50 -11.12 9.38
C VAL A 57 -7.63 -10.89 10.90
N GLU A 58 -7.53 -11.95 11.69
CA GLU A 58 -7.57 -11.80 13.13
C GLU A 58 -6.42 -10.86 13.56
N THR A 59 -5.28 -10.94 12.86
CA THR A 59 -4.12 -10.10 13.14
C THR A 59 -4.37 -8.61 12.78
N MET A 60 -5.05 -8.37 11.66
CA MET A 60 -5.36 -7.01 11.23
C MET A 60 -6.29 -6.34 12.25
N GLN A 61 -7.22 -7.11 12.80
CA GLN A 61 -8.16 -6.60 13.81
C GLN A 61 -7.48 -6.31 15.14
N TYR A 62 -6.63 -7.23 15.57
CA TYR A 62 -5.88 -7.08 16.80
C TYR A 62 -4.96 -5.85 16.72
N GLY A 63 -4.30 -5.69 15.58
CA GLY A 63 -3.34 -4.60 15.38
C GLY A 63 -3.93 -3.23 15.16
N ALA A 64 -5.11 -3.19 14.54
CA ALA A 64 -5.76 -1.91 14.24
C ALA A 64 -6.58 -1.34 15.39
N LEU A 65 -7.35 -2.22 16.02
CA LEU A 65 -8.32 -1.85 17.03
C LEU A 65 -7.92 -1.78 18.49
N LEU A 66 -7.05 -2.68 18.94
CA LEU A 66 -6.70 -2.74 20.36
C LEU A 66 -5.66 -1.69 20.79
N GLY A 67 -6.09 -0.79 21.67
CA GLY A 67 -5.24 0.28 22.20
C GLY A 67 -4.87 1.37 21.22
N GLY A 68 -4.40 2.50 21.74
CA GLY A 68 -4.00 3.64 20.92
C GLY A 68 -4.77 4.91 21.23
N LYS A 69 -4.12 6.04 21.00
CA LYS A 69 -4.69 7.36 21.27
C LYS A 69 -5.53 7.93 20.13
N ARG A 70 -5.37 7.38 18.93
CA ARG A 70 -6.11 7.80 17.71
C ARG A 70 -5.95 9.27 17.34
N LEU A 71 -4.76 9.81 17.56
CA LEU A 71 -4.48 11.21 17.28
C LEU A 71 -4.57 11.62 15.81
N ARG A 72 -4.23 10.71 14.91
CA ARG A 72 -4.32 10.99 13.47
C ARG A 72 -5.82 11.08 13.11
N PRO A 73 -6.62 10.07 13.50
CA PRO A 73 -8.06 10.22 13.34
C PRO A 73 -8.62 11.49 14.00
N PHE A 74 -8.10 11.87 15.18
CA PHE A 74 -8.55 13.09 15.83
C PHE A 74 -8.32 14.28 14.91
N LEU A 75 -7.15 14.32 14.29
CA LEU A 75 -6.82 15.39 13.35
C LEU A 75 -7.73 15.46 12.11
N VAL A 76 -8.13 14.29 11.61
CA VAL A 76 -9.03 14.20 10.47
C VAL A 76 -10.41 14.69 10.91
N TYR A 77 -10.92 14.14 12.02
CA TYR A 77 -12.23 14.54 12.52
C TYR A 77 -12.29 16.02 12.90
N ALA A 78 -11.25 16.54 13.55
CA ALA A 78 -11.24 17.96 13.94
C ALA A 78 -11.13 18.91 12.75
N THR A 79 -10.26 18.59 11.79
CA THR A 79 -10.11 19.48 10.63
C THR A 79 -11.38 19.47 9.77
N GLY A 80 -11.93 18.28 9.52
CA GLY A 80 -13.18 18.13 8.76
C GLY A 80 -14.35 18.84 9.42
N HIS A 81 -14.52 18.65 10.72
CA HIS A 81 -15.61 19.31 11.46
C HIS A 81 -15.55 20.83 11.40
N MET A 82 -14.35 21.39 11.26
CA MET A 82 -14.18 22.84 11.13
C MET A 82 -14.87 23.35 9.87
N PHE A 83 -15.05 22.48 8.88
CA PHE A 83 -15.69 22.87 7.63
C PHE A 83 -17.11 22.28 7.51
N GLY A 84 -17.60 21.72 8.62
CA GLY A 84 -18.94 21.14 8.70
C GLY A 84 -19.15 19.83 7.96
N VAL A 85 -18.05 19.10 7.73
CA VAL A 85 -18.11 17.82 7.03
C VAL A 85 -18.65 16.79 8.02
N SER A 86 -19.57 15.94 7.58
CA SER A 86 -20.18 14.92 8.43
C SER A 86 -19.17 13.90 8.98
N THR A 87 -19.51 13.30 10.12
CA THR A 87 -18.66 12.27 10.72
C THR A 87 -18.67 11.02 9.85
N ASN A 88 -19.86 10.59 9.41
CA ASN A 88 -20.01 9.40 8.57
C ASN A 88 -19.04 9.47 7.39
N THR A 89 -18.91 10.66 6.80
CA THR A 89 -17.94 10.90 5.70
C THR A 89 -16.49 10.85 6.21
N LEU A 90 -16.22 11.54 7.33
CA LEU A 90 -14.86 11.56 7.89
C LEU A 90 -14.35 10.20 8.39
N ASP A 91 -15.25 9.26 8.63
CA ASP A 91 -14.87 7.90 9.03
C ASP A 91 -13.91 7.25 8.02
N ALA A 92 -14.03 7.65 6.74
CA ALA A 92 -13.18 7.10 5.67
C ALA A 92 -11.73 7.54 5.80
N PRO A 93 -11.45 8.85 5.65
CA PRO A 93 -10.06 9.30 5.84
C PRO A 93 -9.52 9.04 7.25
N ALA A 94 -10.39 9.02 8.26
CA ALA A 94 -9.94 8.75 9.64
C ALA A 94 -9.43 7.31 9.73
N ALA A 95 -10.23 6.38 9.20
CA ALA A 95 -9.86 4.98 9.17
C ALA A 95 -8.65 4.73 8.28
N ALA A 96 -8.60 5.40 7.13
CA ALA A 96 -7.49 5.19 6.21
C ALA A 96 -6.13 5.62 6.81
N VAL A 97 -6.09 6.77 7.48
CA VAL A 97 -4.82 7.20 8.10
C VAL A 97 -4.42 6.27 9.25
N GLU A 98 -5.42 5.76 9.98
CA GLU A 98 -5.14 4.90 11.10
C GLU A 98 -4.66 3.53 10.61
N CYS A 99 -5.19 3.06 9.47
CA CYS A 99 -4.71 1.82 8.84
C CYS A 99 -3.23 1.95 8.46
N ILE A 100 -2.84 3.10 7.89
CA ILE A 100 -1.43 3.34 7.57
C ILE A 100 -0.61 3.31 8.87
N HIS A 101 -1.07 4.04 9.89
CA HIS A 101 -0.38 4.08 11.19
C HIS A 101 -0.28 2.68 11.81
N ALA A 102 -1.41 2.00 11.86
CA ALA A 102 -1.49 0.66 12.41
C ALA A 102 -0.53 -0.30 11.69
N TYR A 103 -0.52 -0.27 10.36
CA TYR A 103 0.32 -1.22 9.62
C TYR A 103 1.81 -0.93 9.94
N SER A 104 2.18 0.37 10.05
CA SER A 104 3.58 0.74 10.33
C SER A 104 4.06 0.21 11.67
N LEU A 105 3.18 0.20 12.68
CA LEU A 105 3.53 -0.33 14.00
C LEU A 105 3.71 -1.85 13.98
N ILE A 106 2.84 -2.54 13.26
CA ILE A 106 2.92 -4.01 13.15
C ILE A 106 4.25 -4.41 12.54
N HIS A 107 4.63 -3.74 11.44
CA HIS A 107 5.88 -4.01 10.78
C HIS A 107 7.09 -3.54 11.62
N ASP A 108 7.01 -2.34 12.20
CA ASP A 108 8.09 -1.81 13.03
C ASP A 108 8.41 -2.66 14.27
N ASP A 109 7.38 -3.33 14.83
CA ASP A 109 7.53 -4.21 15.98
C ASP A 109 8.30 -5.52 15.72
N LEU A 110 8.37 -5.95 14.46
CA LEU A 110 9.09 -7.17 14.06
C LEU A 110 10.54 -7.21 14.56
N PRO A 111 11.05 -8.41 14.92
CA PRO A 111 12.42 -8.56 15.40
C PRO A 111 13.48 -7.91 14.50
N ALA A 112 13.28 -7.98 13.18
CA ALA A 112 14.26 -7.39 12.26
C ALA A 112 14.28 -5.87 12.35
N MET A 113 13.17 -5.28 12.83
CA MET A 113 13.12 -3.84 13.01
C MET A 113 13.30 -3.37 14.47
N ASP A 114 12.25 -2.87 15.13
CA ASP A 114 12.40 -2.37 16.53
C ASP A 114 12.42 -3.50 17.53
N ASP A 115 11.90 -4.66 17.13
CA ASP A 115 11.90 -5.86 17.95
C ASP A 115 11.14 -5.63 19.28
N ASP A 116 9.82 -5.51 19.19
CA ASP A 116 8.98 -5.26 20.38
C ASP A 116 8.08 -6.42 20.73
N ASP A 117 8.20 -6.93 21.96
CA ASP A 117 7.36 -7.99 22.45
C ASP A 117 6.05 -7.40 22.93
N LEU A 118 6.09 -6.15 23.41
CA LEU A 118 4.91 -5.49 23.92
C LEU A 118 4.61 -4.16 23.25
N ARG A 119 3.33 -3.80 23.27
CA ARG A 119 2.81 -2.55 22.74
C ARG A 119 1.43 -2.31 23.33
N ARG A 120 1.14 -1.05 23.66
CA ARG A 120 -0.14 -0.66 24.24
C ARG A 120 -0.51 -1.58 25.42
N GLY A 121 0.52 -2.04 26.14
CA GLY A 121 0.36 -2.92 27.30
C GLY A 121 -0.02 -4.37 26.99
N LEU A 122 0.10 -4.77 25.73
CA LEU A 122 -0.28 -6.11 25.28
C LEU A 122 0.78 -6.72 24.36
N PRO A 123 0.79 -8.06 24.20
CA PRO A 123 1.73 -8.65 23.25
C PRO A 123 1.54 -8.08 21.83
N THR A 124 2.64 -7.94 21.10
CA THR A 124 2.60 -7.44 19.74
C THR A 124 2.01 -8.48 18.79
N CYS A 125 1.75 -8.06 17.56
CA CYS A 125 1.16 -8.95 16.56
C CYS A 125 1.98 -10.18 16.26
N HIS A 126 3.28 -10.01 16.03
CA HIS A 126 4.15 -11.11 15.68
C HIS A 126 4.30 -12.10 16.85
N VAL A 127 4.30 -11.58 18.07
CA VAL A 127 4.38 -12.44 19.25
C VAL A 127 3.09 -13.28 19.36
N LYS A 128 1.94 -12.63 19.21
CA LYS A 128 0.64 -13.32 19.34
C LYS A 128 0.28 -14.22 18.17
N PHE A 129 0.56 -13.76 16.96
CA PHE A 129 0.15 -14.49 15.75
C PHE A 129 1.30 -15.00 14.90
N GLY A 130 2.53 -14.72 15.29
CA GLY A 130 3.67 -15.16 14.50
C GLY A 130 4.04 -14.09 13.49
N GLU A 131 5.29 -14.14 13.05
CA GLU A 131 5.76 -13.15 12.08
C GLU A 131 5.05 -13.16 10.75
N ALA A 132 4.76 -14.35 10.21
CA ALA A 132 4.14 -14.45 8.89
C ALA A 132 2.86 -13.65 8.86
N ASN A 133 2.00 -13.89 9.85
CA ASN A 133 0.73 -13.19 9.96
C ASN A 133 0.90 -11.69 10.12
N ALA A 134 1.86 -11.29 10.95
CA ALA A 134 2.13 -9.89 11.21
C ALA A 134 2.59 -9.22 9.92
N ILE A 135 3.46 -9.87 9.16
CA ILE A 135 3.92 -9.32 7.90
C ILE A 135 2.73 -9.10 6.96
N LEU A 136 1.93 -10.15 6.78
CA LEU A 136 0.79 -10.08 5.88
C LEU A 136 -0.26 -9.07 6.32
N ALA A 137 -0.58 -9.07 7.62
CA ALA A 137 -1.58 -8.14 8.17
C ALA A 137 -1.18 -6.69 7.95
N GLY A 138 0.10 -6.37 8.11
CA GLY A 138 0.53 -4.99 7.88
C GLY A 138 0.36 -4.68 6.39
N ASP A 139 0.76 -5.61 5.52
CA ASP A 139 0.61 -5.39 4.08
C ASP A 139 -0.85 -5.14 3.68
N ALA A 140 -1.74 -5.96 4.23
CA ALA A 140 -3.17 -5.87 3.93
C ALA A 140 -3.80 -4.59 4.49
N LEU A 141 -3.33 -4.13 5.65
CA LEU A 141 -3.82 -2.86 6.22
C LEU A 141 -3.44 -1.68 5.37
N GLN A 142 -2.24 -1.69 4.79
CA GLN A 142 -1.86 -0.58 3.92
C GLN A 142 -2.80 -0.57 2.71
N THR A 143 -3.05 -1.74 2.15
CA THR A 143 -3.96 -1.81 0.99
C THR A 143 -5.37 -1.36 1.36
N LEU A 144 -5.83 -1.76 2.55
CA LEU A 144 -7.16 -1.39 3.01
C LEU A 144 -7.33 0.13 3.06
N ALA A 145 -6.27 0.87 3.45
CA ALA A 145 -6.32 2.34 3.49
C ALA A 145 -6.71 2.89 2.13
N PHE A 146 -6.14 2.31 1.08
CA PHE A 146 -6.42 2.75 -0.27
C PHE A 146 -7.78 2.27 -0.76
N SER A 147 -8.23 1.10 -0.30
CA SER A 147 -9.57 0.62 -0.63
C SER A 147 -10.61 1.52 0.04
N ILE A 148 -10.32 2.00 1.26
CA ILE A 148 -11.26 2.89 1.95
C ILE A 148 -11.41 4.23 1.22
N LEU A 149 -10.30 4.86 0.85
CA LEU A 149 -10.41 6.16 0.17
C LEU A 149 -11.04 6.09 -1.22
N SER A 150 -10.80 5.00 -1.93
CA SER A 150 -11.42 4.90 -3.27
C SER A 150 -12.85 4.35 -3.28
N ASP A 151 -13.25 3.63 -2.24
CA ASP A 151 -14.57 2.99 -2.17
C ASP A 151 -15.59 3.59 -1.23
N ALA A 152 -15.15 4.17 -0.11
CA ALA A 152 -16.07 4.68 0.91
C ALA A 152 -17.11 5.69 0.41
N ASN A 153 -18.32 5.60 0.94
CA ASN A 153 -19.30 6.56 0.52
C ASN A 153 -18.98 7.91 1.15
N MET A 154 -18.54 8.85 0.31
CA MET A 154 -18.29 10.21 0.76
C MET A 154 -19.12 11.13 -0.14
N PRO A 155 -20.44 11.18 0.11
CA PRO A 155 -21.46 11.87 -0.70
C PRO A 155 -21.12 13.28 -1.19
N GLU A 156 -20.46 14.06 -0.36
CA GLU A 156 -20.17 15.46 -0.70
C GLU A 156 -18.76 15.67 -1.25
N VAL A 157 -17.97 14.59 -1.30
CA VAL A 157 -16.58 14.68 -1.78
C VAL A 157 -16.43 14.48 -3.28
N SER A 158 -15.76 15.44 -3.90
CA SER A 158 -15.48 15.47 -5.33
C SER A 158 -14.54 14.34 -5.74
N ASP A 159 -14.58 13.97 -7.02
CA ASP A 159 -13.69 12.93 -7.55
C ASP A 159 -12.25 13.47 -7.58
N ARG A 160 -12.09 14.75 -7.95
CA ARG A 160 -10.76 15.38 -8.02
C ARG A 160 -10.13 15.51 -6.63
N ASP A 161 -10.98 15.68 -5.62
CA ASP A 161 -10.59 15.82 -4.21
C ASP A 161 -10.29 14.45 -3.64
N ARG A 162 -11.14 13.49 -3.99
CA ARG A 162 -10.99 12.10 -3.58
C ARG A 162 -9.63 11.61 -4.05
N ILE A 163 -9.30 11.94 -5.30
CA ILE A 163 -8.01 11.58 -5.87
C ILE A 163 -6.90 12.28 -5.11
N SER A 164 -7.10 13.55 -4.75
CA SER A 164 -6.11 14.29 -3.96
C SER A 164 -5.90 13.64 -2.59
N MET A 165 -6.99 13.12 -2.01
CA MET A 165 -6.90 12.43 -0.73
C MET A 165 -6.06 11.14 -0.85
N ILE A 166 -6.19 10.43 -1.97
CA ILE A 166 -5.42 9.21 -2.18
C ILE A 166 -3.94 9.56 -2.44
N SER A 167 -3.72 10.55 -3.30
CA SER A 167 -2.38 11.01 -3.66
C SER A 167 -1.59 11.43 -2.42
N GLU A 168 -2.27 12.18 -1.55
CA GLU A 168 -1.69 12.69 -0.31
C GLU A 168 -1.32 11.56 0.65
N LEU A 169 -2.25 10.63 0.86
CA LEU A 169 -1.97 9.52 1.77
C LEU A 169 -0.78 8.73 1.26
N ALA A 170 -0.72 8.50 -0.06
CA ALA A 170 0.35 7.74 -0.68
C ALA A 170 1.73 8.41 -0.55
N SER A 171 1.79 9.70 -0.87
N SER A 171 1.80 9.71 -0.87
CA SER A 171 3.05 10.45 -0.78
CA SER A 171 3.07 10.45 -0.79
C SER A 171 3.55 10.51 0.66
C SER A 171 3.57 10.57 0.66
N ALA A 172 2.63 10.77 1.60
CA ALA A 172 2.98 10.86 3.02
C ALA A 172 3.44 9.52 3.63
N SER A 173 2.92 8.43 3.09
CA SER A 173 3.17 7.09 3.62
C SER A 173 4.35 6.32 3.04
N GLY A 174 4.71 6.66 1.79
CA GLY A 174 5.75 5.96 1.04
C GLY A 174 7.16 6.39 1.34
N ILE A 175 8.04 6.14 0.37
CA ILE A 175 9.44 6.45 0.51
C ILE A 175 9.75 7.95 0.75
N ALA A 176 8.88 8.85 0.28
CA ALA A 176 9.06 10.29 0.44
C ALA A 176 8.62 10.75 1.82
N GLY A 177 7.81 9.93 2.47
CA GLY A 177 7.31 10.23 3.78
C GLY A 177 7.69 9.16 4.78
N MET A 178 6.68 8.54 5.36
CA MET A 178 6.86 7.54 6.44
C MET A 178 7.93 6.44 6.27
N CYS A 179 7.90 5.72 5.15
CA CYS A 179 8.89 4.67 4.92
C CYS A 179 10.29 5.20 4.75
N GLY A 180 10.38 6.39 4.16
CA GLY A 180 11.67 7.01 3.95
C GLY A 180 12.26 7.50 5.25
N GLY A 181 11.39 7.85 6.21
CA GLY A 181 11.82 8.30 7.53
C GLY A 181 12.26 7.09 8.32
N GLN A 182 11.52 5.98 8.20
CA GLN A 182 11.88 4.75 8.90
C GLN A 182 13.25 4.24 8.41
N ALA A 183 13.54 4.43 7.12
CA ALA A 183 14.83 4.06 6.53
C ALA A 183 15.96 4.94 7.06
N LEU A 184 15.78 6.26 6.99
CA LEU A 184 16.76 7.23 7.49
C LEU A 184 17.08 6.88 8.93
N ASP A 185 16.05 6.51 9.67
CA ASP A 185 16.18 6.15 11.07
C ASP A 185 17.03 4.87 11.23
N LEU A 186 16.78 3.86 10.39
CA LEU A 186 17.57 2.63 10.45
C LEU A 186 19.02 2.84 9.96
N ASP A 187 19.18 3.46 8.79
CA ASP A 187 20.50 3.73 8.20
C ASP A 187 21.35 4.58 9.17
N ALA A 188 20.73 5.06 10.25
CA ALA A 188 21.40 5.87 11.26
C ALA A 188 21.62 5.14 12.59
N GLU A 189 21.45 3.81 12.58
CA GLU A 189 21.62 2.96 13.77
C GLU A 189 22.85 3.32 14.59
N GLY A 190 22.62 3.85 15.79
CA GLY A 190 23.70 4.25 16.70
C GLY A 190 24.78 5.13 16.09
N LYS A 191 24.36 6.21 15.43
CA LYS A 191 25.29 7.12 14.77
C LYS A 191 25.37 8.52 15.37
N HIS A 192 24.64 8.79 16.46
CA HIS A 192 24.67 10.12 17.07
C HIS A 192 24.50 11.19 16.00
N VAL A 193 23.40 11.15 15.26
CA VAL A 193 23.16 12.09 14.18
C VAL A 193 22.99 13.53 14.68
N PRO A 194 23.38 14.53 13.87
CA PRO A 194 23.18 15.89 14.35
C PRO A 194 21.71 16.32 14.34
N LEU A 195 21.42 17.47 14.95
CA LEU A 195 20.05 17.99 15.05
C LEU A 195 19.29 18.05 13.71
N ASP A 196 19.92 18.54 12.65
CA ASP A 196 19.23 18.66 11.36
C ASP A 196 18.84 17.30 10.81
N ALA A 197 19.72 16.32 10.97
CA ALA A 197 19.44 14.94 10.51
C ALA A 197 18.32 14.30 11.33
N LEU A 198 18.32 14.56 12.64
CA LEU A 198 17.29 14.05 13.55
C LEU A 198 15.93 14.63 13.18
N GLU A 199 15.88 15.95 12.94
CA GLU A 199 14.63 16.59 12.54
C GLU A 199 14.15 16.06 11.17
N ARG A 200 15.08 15.78 10.27
CA ARG A 200 14.73 15.23 8.97
C ARG A 200 14.12 13.82 9.17
N ILE A 201 14.70 13.02 10.06
CA ILE A 201 14.14 11.68 10.36
C ILE A 201 12.68 11.81 10.81
N HIS A 202 12.43 12.70 11.76
CA HIS A 202 11.06 12.88 12.30
C HIS A 202 10.06 13.49 11.32
N ARG A 203 10.52 14.48 10.55
CA ARG A 203 9.71 15.15 9.56
C ARG A 203 9.08 14.12 8.61
N HIS A 204 9.88 13.12 8.24
CA HIS A 204 9.40 12.10 7.31
C HIS A 204 8.72 10.93 7.98
N LYS A 205 9.36 10.39 9.02
CA LYS A 205 8.84 9.22 9.73
C LYS A 205 7.46 9.45 10.39
N THR A 206 7.28 10.57 11.09
CA THR A 206 5.99 10.84 11.72
C THR A 206 5.29 12.14 11.25
N GLY A 207 6.07 13.17 10.93
CA GLY A 207 5.47 14.44 10.47
C GLY A 207 4.58 14.36 9.24
N ALA A 208 5.04 13.64 8.23
CA ALA A 208 4.30 13.49 6.97
C ALA A 208 2.89 12.96 7.13
N LEU A 209 2.74 11.90 7.94
CA LEU A 209 1.43 11.26 8.14
C LEU A 209 0.50 12.10 8.99
N ILE A 210 1.08 12.84 9.93
CA ILE A 210 0.31 13.73 10.76
C ILE A 210 -0.21 14.87 9.89
N ARG A 211 0.63 15.36 8.98
CA ARG A 211 0.21 16.41 8.08
C ARG A 211 -0.85 15.86 7.13
N ALA A 212 -0.72 14.59 6.72
CA ALA A 212 -1.68 13.95 5.84
C ALA A 212 -3.05 13.90 6.49
N ALA A 213 -3.09 13.67 7.81
CA ALA A 213 -4.33 13.59 8.58
C ALA A 213 -5.07 14.91 8.45
N VAL A 214 -4.35 16.00 8.74
CA VAL A 214 -4.90 17.33 8.62
C VAL A 214 -5.29 17.61 7.16
N ARG A 215 -4.38 17.34 6.22
CA ARG A 215 -4.67 17.56 4.77
C ARG A 215 -5.89 16.81 4.24
N LEU A 216 -6.13 15.59 4.74
CA LEU A 216 -7.31 14.82 4.33
C LEU A 216 -8.61 15.37 4.91
N GLY A 217 -8.56 15.84 6.15
CA GLY A 217 -9.73 16.43 6.79
C GLY A 217 -10.18 17.66 6.01
N ALA A 218 -9.19 18.43 5.58
CA ALA A 218 -9.44 19.66 4.82
C ALA A 218 -9.91 19.39 3.39
N LEU A 219 -9.32 18.39 2.74
CA LEU A 219 -9.68 18.03 1.36
C LEU A 219 -11.12 17.57 1.18
N SER A 220 -11.66 16.89 2.20
CA SER A 220 -13.02 16.39 2.13
C SER A 220 -14.03 17.52 1.96
N ALA A 221 -13.69 18.69 2.49
CA ALA A 221 -14.52 19.90 2.40
C ALA A 221 -14.41 20.56 1.02
N GLY A 222 -13.30 20.32 0.34
CA GLY A 222 -13.08 20.86 -1.00
C GLY A 222 -12.37 22.19 -1.09
N ASP A 223 -12.97 23.10 -1.83
CA ASP A 223 -12.44 24.44 -2.09
C ASP A 223 -12.04 25.20 -0.81
N LYS A 224 -12.99 25.28 0.13
CA LYS A 224 -12.78 25.97 1.41
C LYS A 224 -11.63 25.33 2.18
N GLY A 225 -11.59 24.00 2.16
CA GLY A 225 -10.56 23.24 2.83
C GLY A 225 -9.22 23.37 2.14
N ARG A 226 -9.22 23.35 0.81
CA ARG A 226 -7.98 23.43 0.03
C ARG A 226 -7.25 24.78 0.20
N ARG A 227 -8.00 25.86 0.39
CA ARG A 227 -7.42 27.20 0.59
C ARG A 227 -6.81 27.37 1.98
N ALA A 228 -7.26 26.55 2.92
CA ALA A 228 -6.76 26.57 4.29
C ALA A 228 -5.47 25.76 4.46
N LEU A 229 -5.17 24.90 3.49
CA LEU A 229 -3.98 24.04 3.56
C LEU A 229 -2.64 24.74 3.91
N PRO A 230 -2.30 25.87 3.27
CA PRO A 230 -1.02 26.55 3.58
C PRO A 230 -0.80 26.75 5.09
N VAL A 231 -1.82 27.29 5.74
CA VAL A 231 -1.79 27.53 7.19
C VAL A 231 -1.94 26.23 7.97
N LEU A 232 -2.85 25.34 7.55
CA LEU A 232 -3.06 24.05 8.21
C LEU A 232 -1.78 23.18 8.25
N ASP A 233 -0.99 23.25 7.17
CA ASP A 233 0.29 22.54 7.09
C ASP A 233 1.21 23.07 8.17
N LYS A 234 1.23 24.40 8.36
CA LYS A 234 2.07 25.01 9.41
C LYS A 234 1.71 24.41 10.75
N TYR A 235 0.42 24.41 11.08
CA TYR A 235 -0.05 23.81 12.34
C TYR A 235 0.36 22.34 12.47
N ALA A 236 0.15 21.59 11.38
CA ALA A 236 0.44 20.15 11.31
C ALA A 236 1.90 19.82 11.56
N GLU A 237 2.78 20.53 10.85
CA GLU A 237 4.23 20.38 10.95
C GLU A 237 4.72 20.74 12.36
N SER A 238 4.16 21.81 12.92
CA SER A 238 4.55 22.25 14.28
C SER A 238 4.19 21.22 15.34
N ILE A 239 2.93 20.78 15.37
CA ILE A 239 2.53 19.79 16.36
C ILE A 239 3.20 18.43 16.15
N GLY A 240 3.49 18.08 14.90
CA GLY A 240 4.10 16.80 14.55
C GLY A 240 5.45 16.65 15.22
N LEU A 241 6.28 17.68 15.07
CA LEU A 241 7.59 17.69 15.68
C LEU A 241 7.44 17.78 17.21
N ALA A 242 6.51 18.61 17.69
CA ALA A 242 6.28 18.79 19.13
C ALA A 242 5.98 17.48 19.85
N PHE A 243 5.23 16.59 19.19
CA PHE A 243 4.94 15.28 19.74
C PHE A 243 6.23 14.55 20.03
N GLN A 244 7.17 14.58 19.08
CA GLN A 244 8.44 13.86 19.22
C GLN A 244 9.36 14.43 20.29
N VAL A 245 9.45 15.76 20.32
CA VAL A 245 10.29 16.44 21.30
C VAL A 245 9.73 16.04 22.67
N GLN A 246 8.41 16.18 22.83
CA GLN A 246 7.77 15.85 24.09
C GLN A 246 7.96 14.37 24.47
N ASP A 247 7.91 13.47 23.48
CA ASP A 247 8.14 12.04 23.74
C ASP A 247 9.53 11.85 24.36
N ASP A 248 10.52 12.51 23.76
CA ASP A 248 11.90 12.44 24.20
C ASP A 248 12.08 12.98 25.63
N ILE A 249 11.42 14.09 25.91
CA ILE A 249 11.46 14.70 27.23
C ILE A 249 10.87 13.73 28.23
N LEU A 250 9.67 13.22 27.94
CA LEU A 250 9.02 12.26 28.85
C LEU A 250 9.79 10.95 29.02
N ASP A 251 10.60 10.58 28.04
CA ASP A 251 11.45 9.39 28.17
C ASP A 251 12.55 9.64 29.22
N VAL A 252 12.91 10.91 29.38
CA VAL A 252 13.95 11.26 30.34
C VAL A 252 13.44 11.43 31.76
N VAL A 253 12.31 12.12 31.94
CA VAL A 253 11.78 12.44 33.28
C VAL A 253 10.42 11.87 33.65
N GLY A 254 9.71 11.34 32.65
CA GLY A 254 8.39 10.73 32.88
C GLY A 254 8.50 9.37 33.53
N GLY A 270 24.43 4.30 21.46
CA GLY A 270 23.59 5.46 21.73
C GLY A 270 22.90 6.03 20.49
N LYS A 271 21.73 6.64 20.72
CA LYS A 271 20.93 7.24 19.65
C LYS A 271 20.58 8.69 20.04
N SER A 272 20.58 9.59 19.06
CA SER A 272 20.26 11.00 19.29
C SER A 272 18.80 11.20 19.62
N THR A 273 18.55 12.13 20.54
CA THR A 273 17.22 12.55 20.96
C THR A 273 17.34 14.05 21.17
N TYR A 274 16.24 14.74 21.42
CA TYR A 274 16.36 16.18 21.63
C TYR A 274 17.09 16.58 22.90
N PRO A 275 16.75 15.95 24.06
CA PRO A 275 17.48 16.29 25.28
C PRO A 275 18.96 15.92 25.21
N ALA A 276 19.30 14.84 24.49
CA ALA A 276 20.70 14.43 24.38
C ALA A 276 21.53 15.39 23.52
N LEU A 277 20.89 16.03 22.54
CA LEU A 277 21.63 16.94 21.68
C LEU A 277 21.61 18.37 22.20
N LEU A 278 20.46 18.78 22.73
CA LEU A 278 20.26 20.16 23.18
C LEU A 278 20.36 20.41 24.68
N GLY A 279 20.07 19.39 25.46
CA GLY A 279 19.99 19.53 26.91
C GLY A 279 18.51 19.44 27.19
N LEU A 280 18.14 18.92 28.35
CA LEU A 280 16.72 18.72 28.69
C LEU A 280 15.88 20.01 28.64
N GLU A 281 16.35 21.06 29.27
CA GLU A 281 15.59 22.32 29.31
C GLU A 281 15.49 23.03 27.94
N GLN A 282 16.53 22.88 27.10
N GLN A 282 16.50 22.82 27.10
CA GLN A 282 16.50 23.45 25.75
CA GLN A 282 16.51 23.42 25.77
C GLN A 282 15.51 22.65 24.90
C GLN A 282 15.55 22.63 24.88
N ALA A 283 15.34 21.37 25.23
CA ALA A 283 14.39 20.52 24.52
C ALA A 283 12.98 20.98 24.91
N ARG A 284 12.75 21.29 26.19
CA ARG A 284 11.45 21.81 26.61
C ARG A 284 11.12 23.14 25.93
N LYS A 285 12.12 24.02 25.84
CA LYS A 285 11.99 25.31 25.17
C LYS A 285 11.59 25.04 23.73
N LYS A 286 12.29 24.11 23.08
CA LYS A 286 12.02 23.76 21.70
C LYS A 286 10.57 23.34 21.52
N ALA A 287 10.07 22.45 22.38
CA ALA A 287 8.67 21.98 22.28
C ALA A 287 7.70 23.13 22.45
N ARG A 288 7.96 23.98 23.45
CA ARG A 288 7.14 25.14 23.75
C ARG A 288 7.06 26.13 22.54
N ASP A 289 8.19 26.35 21.88
CA ASP A 289 8.27 27.21 20.70
C ASP A 289 7.47 26.62 19.52
N LEU A 290 7.46 25.29 19.43
CA LEU A 290 6.72 24.62 18.35
C LEU A 290 5.21 24.80 18.53
N ILE A 291 4.73 24.66 19.76
CA ILE A 291 3.32 24.81 20.08
C ILE A 291 2.86 26.28 19.89
N ASP A 292 3.78 27.23 20.11
CA ASP A 292 3.52 28.65 19.88
C ASP A 292 3.17 28.83 18.42
N ASP A 293 4.05 28.31 17.54
CA ASP A 293 3.84 28.32 16.09
C ASP A 293 2.50 27.73 15.69
N ALA A 294 2.15 26.63 16.35
CA ALA A 294 0.91 25.93 16.10
C ALA A 294 -0.27 26.81 16.46
N ARG A 295 -0.16 27.50 17.60
CA ARG A 295 -1.22 28.40 18.06
C ARG A 295 -1.37 29.61 17.16
N GLN A 296 -0.24 30.11 16.65
CA GLN A 296 -0.25 31.27 15.76
C GLN A 296 -0.90 30.91 14.44
N ALA A 297 -0.50 29.76 13.90
CA ALA A 297 -1.07 29.27 12.65
C ALA A 297 -2.60 29.21 12.79
N LEU A 298 -3.09 28.67 13.91
CA LEU A 298 -4.53 28.56 14.17
C LEU A 298 -5.24 29.91 14.28
N LYS A 299 -4.56 30.91 14.85
CA LYS A 299 -5.14 32.25 14.96
C LYS A 299 -5.57 32.76 13.58
N GLN A 300 -4.68 32.59 12.60
CA GLN A 300 -4.92 32.99 11.21
C GLN A 300 -6.18 32.35 10.62
N LEU A 301 -6.54 31.17 11.12
CA LEU A 301 -7.74 30.48 10.66
C LEU A 301 -8.98 30.92 11.43
N ALA A 302 -8.81 31.08 12.74
CA ALA A 302 -9.90 31.55 13.59
C ALA A 302 -10.25 32.98 13.16
N GLU A 303 -9.31 33.60 12.45
CA GLU A 303 -9.43 34.96 11.95
C GLU A 303 -10.21 34.96 10.63
N GLN A 304 -10.68 33.77 10.22
CA GLN A 304 -11.48 33.61 9.01
C GLN A 304 -12.76 32.85 9.36
N SER A 305 -13.23 33.06 10.59
CA SER A 305 -14.47 32.47 11.13
C SER A 305 -14.49 30.93 11.26
N LEU A 306 -13.31 30.35 11.52
CA LEU A 306 -13.19 28.91 11.70
C LEU A 306 -12.97 28.59 13.17
N ASP A 307 -13.81 27.71 13.72
CA ASP A 307 -13.69 27.29 15.12
C ASP A 307 -12.47 26.39 15.27
N THR A 308 -11.39 26.96 15.81
CA THR A 308 -10.14 26.22 15.99
C THR A 308 -9.96 25.64 17.41
N SER A 309 -11.03 25.66 18.21
CA SER A 309 -11.01 25.17 19.59
C SER A 309 -10.50 23.74 19.80
N ALA A 310 -10.89 22.83 18.91
CA ALA A 310 -10.46 21.44 19.01
C ALA A 310 -8.96 21.31 18.66
N LEU A 311 -8.51 21.99 17.61
CA LEU A 311 -7.10 21.95 17.24
C LEU A 311 -6.21 22.65 18.27
N GLU A 312 -6.80 23.63 18.97
CA GLU A 312 -6.15 24.40 20.03
C GLU A 312 -5.98 23.52 21.27
N ALA A 313 -7.04 22.80 21.62
CA ALA A 313 -7.01 21.92 22.79
C ALA A 313 -5.95 20.84 22.61
N LEU A 314 -5.79 20.36 21.37
CA LEU A 314 -4.80 19.33 21.07
C LEU A 314 -3.37 19.87 21.20
N ALA A 315 -3.12 21.07 20.68
CA ALA A 315 -1.80 21.70 20.79
C ALA A 315 -1.40 21.91 22.26
N ASP A 316 -2.37 22.34 23.08
CA ASP A 316 -2.16 22.56 24.51
C ASP A 316 -1.87 21.23 25.21
N TYR A 317 -2.64 20.20 24.86
CA TYR A 317 -2.48 18.86 25.43
C TYR A 317 -1.10 18.27 25.18
N ILE A 318 -0.56 18.50 23.98
CA ILE A 318 0.73 17.94 23.60
C ILE A 318 1.83 18.37 24.56
N ILE A 319 1.95 19.68 24.73
CA ILE A 319 2.99 20.27 25.55
C ILE A 319 2.73 20.11 27.05
N GLN A 320 1.50 19.80 27.42
CA GLN A 320 1.16 19.66 28.83
C GLN A 320 1.18 18.24 29.38
N ARG A 321 1.31 17.23 28.52
CA ARG A 321 1.31 15.85 29.02
C ARG A 321 2.56 15.51 29.84
N ASN A 322 2.31 14.84 30.97
CA ASN A 322 3.33 14.46 31.95
C ASN A 322 3.65 12.95 32.00
N LYS A 323 2.92 12.17 31.21
CA LYS A 323 3.12 10.73 31.12
C LYS A 323 2.86 10.29 29.69
N MET B 25 7.63 -10.14 -35.78
CA MET B 25 8.44 -10.63 -34.62
C MET B 25 7.79 -11.77 -33.83
N ASP B 26 8.63 -12.68 -33.33
CA ASP B 26 8.16 -13.81 -32.52
C ASP B 26 7.82 -13.34 -31.11
N PHE B 27 7.09 -14.18 -30.36
CA PHE B 27 6.70 -13.82 -29.01
C PHE B 27 7.89 -13.58 -28.08
N PRO B 28 8.95 -14.43 -28.15
CA PRO B 28 10.17 -14.17 -27.37
C PRO B 28 10.75 -12.75 -27.58
N GLN B 29 10.68 -12.22 -28.81
CA GLN B 29 11.14 -10.84 -29.06
C GLN B 29 10.14 -9.84 -28.46
N GLN B 30 8.84 -10.13 -28.58
CA GLN B 30 7.83 -9.26 -27.99
C GLN B 30 8.08 -9.11 -26.48
N LEU B 31 8.25 -10.24 -25.79
CA LEU B 31 8.54 -10.27 -24.36
C LEU B 31 9.79 -9.44 -24.04
N GLU B 32 10.82 -9.57 -24.86
CA GLU B 32 12.04 -8.80 -24.66
C GLU B 32 11.71 -7.32 -24.75
N ALA B 33 10.91 -6.96 -25.77
CA ALA B 33 10.50 -5.56 -26.03
C ALA B 33 9.64 -4.96 -24.91
N CYS B 34 8.69 -5.75 -24.40
N CYS B 34 8.67 -5.74 -24.40
CA CYS B 34 7.82 -5.33 -23.29
CA CYS B 34 7.81 -5.29 -23.28
C CYS B 34 8.63 -5.17 -22.00
C CYS B 34 8.55 -5.25 -21.94
N VAL B 35 9.57 -6.10 -21.78
CA VAL B 35 10.43 -6.07 -20.60
C VAL B 35 11.16 -4.73 -20.60
N LYS B 36 11.64 -4.30 -21.77
CA LYS B 36 12.32 -3.03 -21.89
C LYS B 36 11.38 -1.84 -21.66
N GLN B 37 10.02 -2.06 -22.13
CA GLN B 37 9.07 -0.96 -21.94
C GLN B 37 8.69 -0.90 -20.44
N ALA B 38 8.35 -2.06 -19.88
CA ALA B 38 7.96 -2.17 -18.47
C ALA B 38 9.06 -1.58 -17.59
N ASN B 39 10.36 -1.85 -18.01
CA ASN B 39 11.54 -1.37 -17.26
C ASN B 39 11.72 0.11 -17.31
N GLN B 40 11.42 0.70 -18.46
N GLN B 40 11.40 0.68 -18.47
CA GLN B 40 11.52 2.15 -18.57
CA GLN B 40 11.49 2.12 -18.65
C GLN B 40 10.45 2.77 -17.67
C GLN B 40 10.42 2.83 -17.84
N ALA B 41 9.16 2.24 -17.94
CA ALA B 41 8.05 2.78 -17.17
C ALA B 41 8.37 2.77 -15.67
N LEU B 42 8.97 1.65 -15.23
CA LEU B 42 9.29 1.47 -13.81
C LEU B 42 10.30 2.50 -13.31
N SER B 43 11.40 2.66 -14.06
CA SER B 43 12.47 3.58 -13.68
C SER B 43 12.08 5.07 -13.75
N ARG B 44 11.04 5.34 -14.55
CA ARG B 44 10.63 6.77 -14.77
C ARG B 44 9.98 7.33 -13.51
N PHE B 45 9.44 6.40 -12.74
CA PHE B 45 8.78 6.71 -11.48
C PHE B 45 9.70 6.48 -10.29
N ILE B 46 10.69 5.60 -10.46
CA ILE B 46 11.61 5.23 -9.38
C ILE B 46 12.80 6.17 -9.25
N ALA B 47 13.32 6.63 -10.40
CA ALA B 47 14.46 7.55 -10.42
C ALA B 47 14.22 8.92 -9.74
N PRO B 48 13.00 9.48 -9.84
CA PRO B 48 12.81 10.78 -9.17
C PRO B 48 12.58 10.69 -7.65
N LEU B 49 12.59 9.46 -7.10
CA LEU B 49 12.37 9.27 -5.67
C LEU B 49 13.54 9.73 -4.82
N PRO B 50 13.25 10.27 -3.62
CA PRO B 50 14.35 10.74 -2.79
C PRO B 50 15.02 9.56 -2.09
N PHE B 51 16.14 9.83 -1.44
CA PHE B 51 16.91 8.84 -0.67
C PHE B 51 17.56 7.73 -1.51
N GLN B 52 17.93 8.04 -2.74
CA GLN B 52 18.57 7.07 -3.66
C GLN B 52 19.81 6.33 -3.12
N ASN B 53 20.61 7.02 -2.32
CA ASN B 53 21.83 6.42 -1.77
C ASN B 53 21.62 5.58 -0.51
N THR B 54 20.36 5.30 -0.17
CA THR B 54 20.07 4.51 1.02
C THR B 54 19.79 3.05 0.68
N PRO B 55 20.21 2.12 1.56
CA PRO B 55 19.95 0.69 1.37
C PRO B 55 18.51 0.34 0.95
N VAL B 56 17.51 1.04 1.51
CA VAL B 56 16.10 0.75 1.21
C VAL B 56 15.69 1.09 -0.23
N VAL B 57 16.09 2.26 -0.71
CA VAL B 57 15.78 2.65 -2.08
C VAL B 57 16.60 1.75 -3.04
N GLU B 58 17.84 1.45 -2.68
CA GLU B 58 18.65 0.50 -3.46
C GLU B 58 17.95 -0.89 -3.52
N THR B 59 17.31 -1.30 -2.42
CA THR B 59 16.62 -2.59 -2.35
C THR B 59 15.40 -2.55 -3.24
N MET B 60 14.72 -1.39 -3.26
CA MET B 60 13.53 -1.22 -4.07
C MET B 60 13.90 -1.43 -5.54
N GLN B 61 14.99 -0.80 -5.98
CA GLN B 61 15.43 -0.91 -7.38
C GLN B 61 15.89 -2.31 -7.79
N TYR B 62 16.58 -2.98 -6.88
CA TYR B 62 17.06 -4.34 -7.09
C TYR B 62 15.83 -5.26 -7.23
N GLY B 63 14.92 -5.12 -6.27
CA GLY B 63 13.70 -5.92 -6.20
C GLY B 63 12.70 -5.69 -7.31
N ALA B 64 12.66 -4.48 -7.85
CA ALA B 64 11.71 -4.18 -8.92
C ALA B 64 12.24 -4.33 -10.35
N LEU B 65 13.49 -3.95 -10.57
CA LEU B 65 14.02 -3.90 -11.94
C LEU B 65 14.90 -5.03 -12.45
N LEU B 66 15.55 -5.77 -11.57
CA LEU B 66 16.53 -6.77 -12.01
C LEU B 66 15.96 -8.16 -12.29
N GLY B 67 15.67 -8.42 -13.56
CA GLY B 67 15.09 -9.68 -14.00
C GLY B 67 13.59 -9.66 -13.84
N GLY B 68 12.92 -10.68 -14.40
CA GLY B 68 11.47 -10.77 -14.34
C GLY B 68 10.95 -10.82 -15.75
N LYS B 69 9.80 -11.44 -15.94
CA LYS B 69 9.23 -11.58 -17.29
C LYS B 69 8.28 -10.44 -17.68
N ARG B 70 7.86 -9.65 -16.69
CA ARG B 70 6.94 -8.50 -16.88
C ARG B 70 5.61 -8.86 -17.55
N LEU B 71 5.05 -10.00 -17.17
CA LEU B 71 3.81 -10.42 -17.78
C LEU B 71 2.61 -9.57 -17.37
N ARG B 72 2.65 -8.98 -16.17
CA ARG B 72 1.54 -8.14 -15.71
C ARG B 72 1.59 -6.83 -16.53
N PRO B 73 2.75 -6.15 -16.59
CA PRO B 73 2.76 -5.04 -17.53
C PRO B 73 2.32 -5.45 -18.96
N PHE B 74 2.79 -6.59 -19.48
CA PHE B 74 2.39 -7.01 -20.85
C PHE B 74 0.86 -6.97 -21.03
N LEU B 75 0.17 -7.54 -20.05
CA LEU B 75 -1.28 -7.58 -20.02
C LEU B 75 -1.90 -6.19 -20.00
N VAL B 76 -1.31 -5.29 -19.23
CA VAL B 76 -1.80 -3.91 -19.22
C VAL B 76 -1.62 -3.29 -20.60
N TYR B 77 -0.41 -3.42 -21.15
CA TYR B 77 -0.12 -2.83 -22.46
C TYR B 77 -0.98 -3.44 -23.58
N ALA B 78 -1.02 -4.76 -23.65
CA ALA B 78 -1.80 -5.44 -24.68
C ALA B 78 -3.28 -5.07 -24.61
N THR B 79 -3.86 -5.10 -23.42
CA THR B 79 -5.29 -4.81 -23.23
C THR B 79 -5.60 -3.34 -23.58
N GLY B 80 -4.76 -2.43 -23.09
CA GLY B 80 -4.96 -0.99 -23.35
C GLY B 80 -4.85 -0.66 -24.81
N HIS B 81 -3.87 -1.26 -25.48
CA HIS B 81 -3.66 -1.05 -26.91
C HIS B 81 -4.84 -1.50 -27.79
N MET B 82 -5.56 -2.54 -27.35
CA MET B 82 -6.75 -3.02 -28.04
C MET B 82 -7.81 -1.94 -28.12
N PHE B 83 -7.82 -1.05 -27.14
CA PHE B 83 -8.82 0.00 -27.08
C PHE B 83 -8.28 1.35 -27.54
N GLY B 84 -7.05 1.36 -28.06
CA GLY B 84 -6.44 2.60 -28.56
C GLY B 84 -5.99 3.57 -27.49
N VAL B 85 -5.23 3.07 -26.53
CA VAL B 85 -4.68 3.90 -25.46
C VAL B 85 -3.17 3.95 -25.70
N SER B 86 -2.58 5.13 -25.54
N SER B 86 -2.58 5.13 -25.52
CA SER B 86 -1.14 5.30 -25.76
CA SER B 86 -1.15 5.32 -25.73
C SER B 86 -0.28 4.58 -24.73
C SER B 86 -0.29 4.56 -24.73
N THR B 87 0.94 4.24 -25.14
CA THR B 87 1.90 3.54 -24.30
C THR B 87 2.28 4.45 -23.12
N ASN B 88 2.33 5.75 -23.39
CA ASN B 88 2.61 6.75 -22.36
C ASN B 88 1.59 6.68 -21.23
N THR B 89 0.29 6.64 -21.56
CA THR B 89 -0.78 6.57 -20.56
C THR B 89 -0.77 5.24 -19.80
N LEU B 90 -0.46 4.17 -20.54
CA LEU B 90 -0.41 2.82 -19.99
C LEU B 90 0.84 2.54 -19.14
N ASP B 91 1.90 3.31 -19.36
CA ASP B 91 3.08 3.14 -18.51
C ASP B 91 2.69 3.17 -17.03
N ALA B 92 1.66 3.95 -16.70
CA ALA B 92 1.21 4.14 -15.31
C ALA B 92 0.63 2.88 -14.67
N PRO B 93 -0.48 2.33 -15.22
CA PRO B 93 -0.95 1.09 -14.60
C PRO B 93 0.02 -0.09 -14.78
N ALA B 94 0.82 -0.08 -15.84
CA ALA B 94 1.81 -1.15 -16.06
C ALA B 94 2.88 -1.14 -14.96
N ALA B 95 3.36 0.04 -14.57
CA ALA B 95 4.36 0.17 -13.51
C ALA B 95 3.71 -0.12 -12.15
N ALA B 96 2.48 0.36 -11.98
CA ALA B 96 1.77 0.17 -10.72
C ALA B 96 1.50 -1.31 -10.41
N VAL B 97 1.09 -2.11 -11.41
CA VAL B 97 0.84 -3.52 -11.12
C VAL B 97 2.15 -4.24 -10.88
N GLU B 98 3.20 -3.83 -11.59
CA GLU B 98 4.49 -4.46 -11.40
C GLU B 98 5.06 -4.10 -10.02
N CYS B 99 4.77 -2.89 -9.55
CA CYS B 99 5.19 -2.51 -8.18
C CYS B 99 4.51 -3.41 -7.14
N ILE B 100 3.22 -3.68 -7.30
CA ILE B 100 2.54 -4.59 -6.38
C ILE B 100 3.19 -5.97 -6.51
N HIS B 101 3.38 -6.41 -7.76
CA HIS B 101 3.99 -7.72 -7.97
C HIS B 101 5.37 -7.78 -7.29
N ALA B 102 6.22 -6.78 -7.57
CA ALA B 102 7.56 -6.76 -7.01
C ALA B 102 7.56 -6.78 -5.47
N TYR B 103 6.69 -5.97 -4.85
CA TYR B 103 6.63 -5.91 -3.39
C TYR B 103 6.24 -7.28 -2.83
N SER B 104 5.26 -7.96 -3.45
CA SER B 104 4.82 -9.24 -2.91
C SER B 104 5.92 -10.31 -2.87
N LEU B 105 6.75 -10.31 -3.90
CA LEU B 105 7.87 -11.25 -3.98
C LEU B 105 8.91 -10.96 -2.89
N ILE B 106 9.17 -9.68 -2.66
CA ILE B 106 10.15 -9.30 -1.64
C ILE B 106 9.69 -9.78 -0.27
N HIS B 107 8.41 -9.61 0.01
CA HIS B 107 7.88 -10.03 1.30
C HIS B 107 7.75 -11.57 1.35
N ASP B 108 7.32 -12.17 0.24
CA ASP B 108 7.13 -13.63 0.21
C ASP B 108 8.47 -14.38 0.36
N ASP B 109 9.59 -13.77 -0.02
CA ASP B 109 10.90 -14.41 0.10
C ASP B 109 11.44 -14.48 1.54
N LEU B 110 10.96 -13.59 2.42
CA LEU B 110 11.39 -13.52 3.81
C LEU B 110 11.36 -14.86 4.56
N PRO B 111 12.35 -15.10 5.43
CA PRO B 111 12.42 -16.34 6.19
C PRO B 111 11.12 -16.77 6.86
N ALA B 112 10.28 -15.82 7.28
CA ALA B 112 9.01 -16.17 7.93
C ALA B 112 7.97 -16.63 6.93
N MET B 113 8.20 -16.31 5.66
CA MET B 113 7.30 -16.64 4.57
C MET B 113 7.83 -17.86 3.82
N ASP B 114 8.13 -17.69 2.53
CA ASP B 114 8.64 -18.79 1.71
C ASP B 114 10.12 -19.09 1.96
N ASP B 115 10.82 -18.12 2.56
CA ASP B 115 12.23 -18.28 2.93
C ASP B 115 13.11 -18.68 1.72
N ASP B 116 13.24 -17.77 0.77
CA ASP B 116 14.01 -18.00 -0.44
C ASP B 116 15.30 -17.22 -0.45
N ASP B 117 16.40 -17.92 -0.72
CA ASP B 117 17.70 -17.30 -0.84
C ASP B 117 17.94 -16.78 -2.26
N LEU B 118 17.29 -17.42 -3.23
N LEU B 118 17.28 -17.41 -3.23
CA LEU B 118 17.48 -17.05 -4.63
CA LEU B 118 17.49 -17.09 -4.65
C LEU B 118 16.17 -16.80 -5.39
C LEU B 118 16.20 -16.84 -5.44
N ARG B 119 16.23 -15.77 -6.25
CA ARG B 119 15.13 -15.39 -7.14
C ARG B 119 15.74 -14.67 -8.36
N ARG B 120 15.25 -15.01 -9.56
CA ARG B 120 15.72 -14.39 -10.82
C ARG B 120 17.23 -14.58 -10.99
N GLY B 121 17.74 -15.73 -10.55
CA GLY B 121 19.17 -16.08 -10.62
C GLY B 121 20.03 -15.21 -9.72
N LEU B 122 19.39 -14.53 -8.77
CA LEU B 122 20.06 -13.61 -7.88
C LEU B 122 19.69 -13.83 -6.43
N PRO B 123 20.58 -13.49 -5.48
CA PRO B 123 20.16 -13.58 -4.10
C PRO B 123 18.93 -12.69 -3.87
N THR B 124 17.95 -13.18 -3.14
CA THR B 124 16.76 -12.37 -2.85
C THR B 124 17.14 -11.11 -2.06
N CYS B 125 16.20 -10.16 -1.98
CA CYS B 125 16.42 -8.89 -1.30
C CYS B 125 16.88 -8.96 0.16
N HIS B 126 16.24 -9.83 0.95
CA HIS B 126 16.57 -9.96 2.36
C HIS B 126 17.97 -10.55 2.60
N VAL B 127 18.42 -11.41 1.68
CA VAL B 127 19.77 -11.98 1.77
C VAL B 127 20.79 -10.89 1.45
N LYS B 128 20.55 -10.15 0.37
CA LYS B 128 21.50 -9.11 -0.03
C LYS B 128 21.45 -7.86 0.85
N PHE B 129 20.26 -7.36 1.17
CA PHE B 129 20.15 -6.12 1.92
C PHE B 129 19.76 -6.25 3.38
N GLY B 130 19.36 -7.44 3.81
CA GLY B 130 18.93 -7.65 5.19
C GLY B 130 17.41 -7.57 5.28
N GLU B 131 16.84 -8.26 6.27
CA GLU B 131 15.39 -8.29 6.42
C GLU B 131 14.70 -6.94 6.59
N ALA B 132 15.23 -6.05 7.42
CA ALA B 132 14.60 -4.72 7.62
C ALA B 132 14.49 -3.96 6.29
N ASN B 133 15.58 -3.92 5.52
CA ASN B 133 15.53 -3.26 4.22
C ASN B 133 14.51 -3.92 3.29
N ALA B 134 14.40 -5.25 3.36
CA ALA B 134 13.44 -5.95 2.50
C ALA B 134 12.01 -5.64 2.89
N ILE B 135 11.74 -5.61 4.20
CA ILE B 135 10.40 -5.30 4.67
C ILE B 135 9.99 -3.90 4.21
N LEU B 136 10.84 -2.92 4.48
CA LEU B 136 10.58 -1.53 4.08
C LEU B 136 10.50 -1.34 2.58
N ALA B 137 11.43 -1.93 1.83
CA ALA B 137 11.38 -1.80 0.37
C ALA B 137 10.02 -2.28 -0.17
N GLY B 138 9.56 -3.44 0.33
CA GLY B 138 8.29 -4.01 -0.07
C GLY B 138 7.14 -3.08 0.29
N ASP B 139 7.18 -2.55 1.52
CA ASP B 139 6.17 -1.59 1.99
C ASP B 139 6.10 -0.34 1.12
N ALA B 140 7.26 0.21 0.79
CA ALA B 140 7.35 1.40 -0.04
C ALA B 140 6.94 1.14 -1.51
N LEU B 141 7.23 -0.04 -2.04
CA LEU B 141 6.81 -0.41 -3.41
C LEU B 141 5.30 -0.48 -3.50
N GLN B 142 4.64 -1.01 -2.46
CA GLN B 142 3.19 -1.02 -2.45
C GLN B 142 2.67 0.40 -2.59
N THR B 143 3.19 1.30 -1.77
CA THR B 143 2.76 2.67 -1.74
C THR B 143 2.98 3.35 -3.07
N LEU B 144 4.14 3.10 -3.69
CA LEU B 144 4.50 3.73 -4.96
C LEU B 144 3.48 3.37 -6.06
N ALA B 145 2.91 2.17 -5.99
CA ALA B 145 1.89 1.75 -6.96
C ALA B 145 0.71 2.75 -6.92
N PHE B 146 0.32 3.10 -5.70
CA PHE B 146 -0.80 4.03 -5.51
C PHE B 146 -0.45 5.47 -5.84
N SER B 147 0.79 5.87 -5.57
CA SER B 147 1.23 7.21 -5.98
C SER B 147 1.20 7.28 -7.50
N ILE B 148 1.70 6.24 -8.16
CA ILE B 148 1.74 6.21 -9.63
C ILE B 148 0.33 6.37 -10.20
N LEU B 149 -0.60 5.53 -9.75
CA LEU B 149 -1.98 5.65 -10.22
C LEU B 149 -2.65 6.99 -9.92
N SER B 150 -2.37 7.56 -8.75
CA SER B 150 -3.02 8.79 -8.38
C SER B 150 -2.33 10.01 -8.96
N ASP B 151 -1.04 9.88 -9.30
CA ASP B 151 -0.25 11.03 -9.78
C ASP B 151 0.16 11.05 -11.24
N ALA B 152 0.36 9.89 -11.84
CA ALA B 152 0.82 9.83 -13.23
C ALA B 152 -0.10 10.54 -14.22
N ASN B 153 0.50 11.17 -15.22
CA ASN B 153 -0.30 11.82 -16.25
C ASN B 153 -0.92 10.77 -17.16
N MET B 154 -2.24 10.82 -17.29
CA MET B 154 -3.01 9.96 -18.15
C MET B 154 -4.03 10.90 -18.77
N PRO B 155 -3.61 11.63 -19.83
CA PRO B 155 -4.40 12.68 -20.47
C PRO B 155 -5.87 12.35 -20.78
N GLU B 156 -6.15 11.17 -21.34
CA GLU B 156 -7.52 10.83 -21.69
C GLU B 156 -8.25 9.92 -20.70
N VAL B 157 -7.73 9.82 -19.47
CA VAL B 157 -8.36 9.01 -18.43
C VAL B 157 -9.09 9.94 -17.47
N SER B 158 -10.41 9.78 -17.39
CA SER B 158 -11.22 10.61 -16.50
C SER B 158 -10.85 10.35 -15.05
N ASP B 159 -11.34 11.22 -14.16
CA ASP B 159 -11.12 11.08 -12.74
C ASP B 159 -11.89 9.86 -12.22
N ARG B 160 -13.10 9.64 -12.75
CA ARG B 160 -13.93 8.50 -12.37
C ARG B 160 -13.21 7.18 -12.68
N ASP B 161 -12.61 7.10 -13.86
CA ASP B 161 -11.89 5.91 -14.30
C ASP B 161 -10.61 5.67 -13.51
N ARG B 162 -9.93 6.76 -13.14
CA ARG B 162 -8.69 6.70 -12.33
C ARG B 162 -9.03 6.11 -10.95
N ILE B 163 -10.12 6.57 -10.35
CA ILE B 163 -10.59 6.03 -9.06
C ILE B 163 -10.94 4.54 -9.23
N SER B 164 -11.54 4.17 -10.37
CA SER B 164 -11.87 2.77 -10.63
C SER B 164 -10.60 1.94 -10.69
N MET B 165 -9.55 2.51 -11.29
CA MET B 165 -8.26 1.85 -11.41
C MET B 165 -7.64 1.63 -10.04
N ILE B 166 -7.57 2.70 -9.24
CA ILE B 166 -7.06 2.63 -7.88
C ILE B 166 -7.82 1.59 -7.07
N SER B 167 -9.15 1.69 -7.11
CA SER B 167 -10.05 0.78 -6.41
C SER B 167 -9.80 -0.66 -6.81
N GLU B 168 -9.60 -0.88 -8.12
CA GLU B 168 -9.36 -2.24 -8.62
C GLU B 168 -8.01 -2.78 -8.12
N LEU B 169 -6.97 -1.96 -8.24
CA LEU B 169 -5.63 -2.36 -7.80
C LEU B 169 -5.65 -2.69 -6.32
N ALA B 170 -6.29 -1.84 -5.52
CA ALA B 170 -6.42 -2.07 -4.08
C ALA B 170 -7.22 -3.34 -3.68
N SER B 171 -8.37 -3.61 -4.30
CA SER B 171 -9.11 -4.80 -3.88
C SER B 171 -8.39 -6.09 -4.33
N ALA B 172 -7.76 -6.05 -5.52
CA ALA B 172 -6.99 -7.17 -6.05
C ALA B 172 -5.69 -7.45 -5.29
N SER B 173 -5.11 -6.43 -4.68
CA SER B 173 -3.82 -6.58 -4.02
C SER B 173 -3.99 -6.90 -2.54
N GLY B 174 -5.16 -6.55 -1.96
CA GLY B 174 -5.38 -6.70 -0.53
C GLY B 174 -5.88 -8.08 -0.13
N ILE B 175 -6.56 -8.11 1.00
CA ILE B 175 -7.10 -9.31 1.59
C ILE B 175 -8.20 -9.98 0.74
N ALA B 176 -8.91 -9.21 -0.09
CA ALA B 176 -9.93 -9.80 -0.96
C ALA B 176 -9.28 -10.53 -2.13
N GLY B 177 -8.02 -10.21 -2.39
CA GLY B 177 -7.25 -10.78 -3.47
C GLY B 177 -5.90 -11.35 -3.07
N MET B 178 -4.84 -10.73 -3.57
CA MET B 178 -3.47 -11.24 -3.38
C MET B 178 -3.09 -11.66 -1.96
N CYS B 179 -3.19 -10.73 -1.01
N CYS B 179 -3.23 -10.72 -1.03
CA CYS B 179 -2.87 -11.02 0.40
CA CYS B 179 -2.86 -10.95 0.36
C CYS B 179 -3.73 -12.13 0.94
C CYS B 179 -3.75 -12.04 0.99
N GLY B 180 -5.01 -12.09 0.58
CA GLY B 180 -5.97 -13.09 1.03
C GLY B 180 -5.59 -14.46 0.47
N GLY B 181 -5.06 -14.49 -0.75
CA GLY B 181 -4.63 -15.74 -1.38
C GLY B 181 -3.39 -16.28 -0.69
N GLN B 182 -2.48 -15.39 -0.34
CA GLN B 182 -1.26 -15.76 0.36
C GLN B 182 -1.61 -16.31 1.76
N ALA B 183 -2.58 -15.69 2.42
CA ALA B 183 -3.07 -16.16 3.73
C ALA B 183 -3.54 -17.61 3.59
N LEU B 184 -4.47 -17.82 2.65
CA LEU B 184 -5.01 -19.16 2.38
C LEU B 184 -3.86 -20.15 2.14
N ASP B 185 -2.90 -19.75 1.31
CA ASP B 185 -1.76 -20.58 0.95
C ASP B 185 -0.94 -21.05 2.17
N LEU B 186 -0.61 -20.13 3.06
CA LEU B 186 0.13 -20.47 4.30
C LEU B 186 -0.69 -21.37 5.23
N ASP B 187 -2.01 -21.20 5.20
CA ASP B 187 -2.91 -21.99 6.01
C ASP B 187 -2.99 -23.41 5.45
N ALA B 188 -2.88 -23.53 4.13
CA ALA B 188 -2.92 -24.81 3.42
C ALA B 188 -1.63 -25.63 3.54
N GLU B 189 -0.65 -25.14 4.27
CA GLU B 189 0.62 -25.86 4.45
C GLU B 189 0.37 -27.12 5.25
N GLY B 190 0.77 -28.26 4.70
CA GLY B 190 0.61 -29.55 5.36
C GLY B 190 -0.81 -30.06 5.45
N LYS B 191 -1.69 -29.52 4.61
CA LYS B 191 -3.10 -29.93 4.63
C LYS B 191 -3.60 -30.72 3.41
N HIS B 192 -2.78 -30.81 2.36
CA HIS B 192 -3.15 -31.55 1.13
C HIS B 192 -4.57 -31.23 0.69
N VAL B 193 -4.82 -29.96 0.39
CA VAL B 193 -6.16 -29.48 0.00
C VAL B 193 -6.64 -30.05 -1.36
N PRO B 194 -7.96 -30.23 -1.54
CA PRO B 194 -8.45 -30.75 -2.81
C PRO B 194 -8.28 -29.73 -3.95
N LEU B 195 -8.49 -30.18 -5.18
CA LEU B 195 -8.35 -29.32 -6.35
C LEU B 195 -9.14 -28.01 -6.26
N ASP B 196 -10.41 -28.07 -5.87
CA ASP B 196 -11.21 -26.83 -5.80
C ASP B 196 -10.65 -25.77 -4.84
N ALA B 197 -10.15 -26.23 -3.69
CA ALA B 197 -9.50 -25.36 -2.71
C ALA B 197 -8.22 -24.79 -3.29
N LEU B 198 -7.47 -25.64 -3.97
CA LEU B 198 -6.22 -25.23 -4.60
C LEU B 198 -6.45 -24.13 -5.63
N GLU B 199 -7.45 -24.32 -6.48
CA GLU B 199 -7.75 -23.32 -7.51
C GLU B 199 -8.23 -22.01 -6.88
N ARG B 200 -8.86 -22.09 -5.70
CA ARG B 200 -9.29 -20.90 -4.99
C ARG B 200 -8.09 -20.13 -4.46
N ILE B 201 -7.14 -20.87 -3.87
CA ILE B 201 -5.88 -20.26 -3.44
C ILE B 201 -5.25 -19.54 -4.62
N HIS B 202 -5.10 -20.22 -5.75
CA HIS B 202 -4.46 -19.56 -6.92
C HIS B 202 -5.25 -18.37 -7.47
N ARG B 203 -6.56 -18.54 -7.59
CA ARG B 203 -7.40 -17.46 -8.09
C ARG B 203 -7.15 -16.16 -7.30
N HIS B 204 -7.02 -16.29 -5.99
CA HIS B 204 -6.78 -15.11 -5.17
C HIS B 204 -5.31 -14.72 -5.13
N LYS B 205 -4.43 -15.68 -4.87
CA LYS B 205 -2.97 -15.36 -4.76
C LYS B 205 -2.33 -14.72 -6.00
N THR B 206 -2.65 -15.24 -7.18
CA THR B 206 -2.12 -14.69 -8.44
C THR B 206 -3.20 -14.24 -9.44
N GLY B 207 -4.32 -14.94 -9.45
CA GLY B 207 -5.42 -14.63 -10.36
C GLY B 207 -5.88 -13.17 -10.23
N ALA B 208 -6.07 -12.71 -9.00
CA ALA B 208 -6.60 -11.37 -8.76
C ALA B 208 -5.77 -10.25 -9.37
N LEU B 209 -4.44 -10.33 -9.23
CA LEU B 209 -3.56 -9.27 -9.76
C LEU B 209 -3.40 -9.35 -11.27
N ILE B 210 -3.48 -10.57 -11.79
CA ILE B 210 -3.45 -10.78 -13.26
C ILE B 210 -4.77 -10.20 -13.84
N ARG B 211 -5.89 -10.46 -13.16
CA ARG B 211 -7.18 -9.88 -13.58
C ARG B 211 -7.10 -8.35 -13.48
N ALA B 212 -6.43 -7.85 -12.45
CA ALA B 212 -6.26 -6.41 -12.28
C ALA B 212 -5.49 -5.78 -13.42
N ALA B 213 -4.44 -6.47 -13.90
CA ALA B 213 -3.63 -5.95 -14.99
C ALA B 213 -4.51 -5.71 -16.22
N VAL B 214 -5.34 -6.70 -16.52
CA VAL B 214 -6.26 -6.62 -17.64
C VAL B 214 -7.34 -5.54 -17.39
N ARG B 215 -7.89 -5.53 -16.17
CA ARG B 215 -8.88 -4.53 -15.81
C ARG B 215 -8.36 -3.08 -15.90
N LEU B 216 -7.13 -2.85 -15.46
CA LEU B 216 -6.51 -1.51 -15.52
C LEU B 216 -6.30 -1.03 -16.96
N GLY B 217 -5.95 -1.96 -17.85
CA GLY B 217 -5.76 -1.66 -19.28
C GLY B 217 -7.07 -1.23 -19.93
N ALA B 218 -8.15 -1.94 -19.60
CA ALA B 218 -9.47 -1.65 -20.18
C ALA B 218 -10.14 -0.42 -19.57
N LEU B 219 -9.97 -0.21 -18.26
CA LEU B 219 -10.56 0.97 -17.56
C LEU B 219 -9.92 2.24 -18.09
N SER B 220 -8.67 2.09 -18.50
CA SER B 220 -7.87 3.15 -19.07
C SER B 220 -8.57 3.77 -20.29
N ALA B 221 -9.21 2.90 -21.08
CA ALA B 221 -9.94 3.25 -22.30
C ALA B 221 -11.35 3.82 -22.03
N GLY B 222 -11.79 3.77 -20.78
CA GLY B 222 -13.10 4.30 -20.43
C GLY B 222 -14.22 3.31 -20.64
N ASP B 223 -15.39 3.85 -21.00
CA ASP B 223 -16.61 3.06 -21.20
C ASP B 223 -16.48 1.89 -22.18
N LYS B 224 -15.74 2.10 -23.27
CA LYS B 224 -15.51 1.05 -24.26
C LYS B 224 -14.80 -0.15 -23.62
N GLY B 225 -13.73 0.12 -22.87
CA GLY B 225 -12.97 -0.92 -22.19
C GLY B 225 -13.73 -1.53 -21.03
N ARG B 226 -14.51 -0.69 -20.35
CA ARG B 226 -15.33 -1.11 -19.22
C ARG B 226 -16.41 -2.14 -19.66
N ARG B 227 -16.88 -2.06 -20.90
CA ARG B 227 -17.88 -3.02 -21.42
C ARG B 227 -17.34 -4.42 -21.78
N ALA B 228 -16.02 -4.50 -22.03
CA ALA B 228 -15.37 -5.76 -22.38
C ALA B 228 -14.92 -6.55 -21.15
N LEU B 229 -15.01 -5.91 -19.98
CA LEU B 229 -14.57 -6.51 -18.71
C LEU B 229 -15.03 -7.94 -18.36
N PRO B 230 -16.35 -8.24 -18.43
CA PRO B 230 -16.75 -9.61 -18.07
C PRO B 230 -16.04 -10.68 -18.89
N VAL B 231 -15.78 -10.39 -20.17
CA VAL B 231 -15.09 -11.31 -21.09
C VAL B 231 -13.58 -11.31 -20.82
N LEU B 232 -13.01 -10.13 -20.65
CA LEU B 232 -11.59 -10.00 -20.31
C LEU B 232 -11.26 -10.67 -18.97
N ASP B 233 -12.18 -10.64 -18.00
CA ASP B 233 -12.00 -11.29 -16.70
C ASP B 233 -11.83 -12.79 -16.87
N LYS B 234 -12.68 -13.37 -17.72
CA LYS B 234 -12.66 -14.80 -18.01
C LYS B 234 -11.28 -15.14 -18.63
N TYR B 235 -10.86 -14.38 -19.64
CA TYR B 235 -9.53 -14.59 -20.23
C TYR B 235 -8.43 -14.54 -19.18
N ALA B 236 -8.44 -13.50 -18.35
CA ALA B 236 -7.41 -13.30 -17.35
C ALA B 236 -7.29 -14.40 -16.29
N GLU B 237 -8.43 -14.82 -15.74
CA GLU B 237 -8.44 -15.86 -14.71
C GLU B 237 -7.97 -17.19 -15.29
N SER B 238 -8.37 -17.47 -16.54
CA SER B 238 -7.99 -18.68 -17.25
C SER B 238 -6.48 -18.73 -17.51
N ILE B 239 -5.90 -17.67 -18.03
CA ILE B 239 -4.46 -17.69 -18.27
C ILE B 239 -3.72 -17.68 -16.94
N GLY B 240 -4.30 -17.05 -15.90
CA GLY B 240 -3.71 -17.01 -14.55
C GLY B 240 -3.57 -18.43 -14.02
N LEU B 241 -4.65 -19.20 -14.07
CA LEU B 241 -4.58 -20.61 -13.70
C LEU B 241 -3.69 -21.45 -14.64
N ALA B 242 -3.78 -21.23 -15.94
CA ALA B 242 -2.95 -21.97 -16.91
C ALA B 242 -1.45 -21.80 -16.60
N PHE B 243 -1.05 -20.58 -16.22
CA PHE B 243 0.35 -20.30 -15.82
C PHE B 243 0.79 -21.15 -14.64
N GLN B 244 -0.06 -21.20 -13.62
CA GLN B 244 0.24 -21.98 -12.41
C GLN B 244 0.35 -23.49 -12.70
N VAL B 245 -0.56 -24.01 -13.53
CA VAL B 245 -0.51 -25.42 -13.95
C VAL B 245 0.85 -25.73 -14.63
N GLN B 246 1.24 -24.89 -15.60
CA GLN B 246 2.50 -25.05 -16.31
C GLN B 246 3.70 -24.95 -15.37
N ASP B 247 3.67 -23.98 -14.44
CA ASP B 247 4.73 -23.84 -13.44
C ASP B 247 4.91 -25.16 -12.66
N ASP B 248 3.79 -25.74 -12.21
CA ASP B 248 3.79 -27.01 -11.46
C ASP B 248 4.36 -28.18 -12.27
N ILE B 249 3.98 -28.26 -13.54
CA ILE B 249 4.45 -29.30 -14.47
C ILE B 249 5.95 -29.14 -14.69
N LEU B 250 6.40 -27.90 -14.83
CA LEU B 250 7.83 -27.60 -15.02
C LEU B 250 8.68 -27.99 -13.81
N ASP B 251 8.08 -27.91 -12.63
CA ASP B 251 8.75 -28.24 -11.37
C ASP B 251 9.10 -29.72 -11.25
N VAL B 252 8.21 -30.58 -11.76
CA VAL B 252 8.47 -32.02 -11.69
C VAL B 252 9.22 -32.53 -12.94
N VAL B 253 9.07 -31.81 -14.05
CA VAL B 253 9.71 -32.15 -15.32
C VAL B 253 10.97 -31.31 -15.53
N LYS B 271 2.67 -29.86 0.14
CA LYS B 271 1.52 -29.17 -0.46
C LYS B 271 0.95 -29.88 -1.70
N SER B 272 -0.30 -29.53 -2.02
CA SER B 272 -0.95 -30.04 -3.21
C SER B 272 -0.51 -29.17 -4.37
N THR B 273 -0.45 -29.79 -5.54
CA THR B 273 -0.06 -29.11 -6.77
C THR B 273 -0.92 -29.79 -7.81
N TYR B 274 -0.99 -29.21 -9.01
CA TYR B 274 -1.77 -29.85 -10.05
C TYR B 274 -1.34 -31.30 -10.36
N PRO B 275 -0.03 -31.52 -10.63
CA PRO B 275 0.47 -32.86 -10.89
C PRO B 275 0.28 -33.83 -9.72
N ALA B 276 0.45 -33.34 -8.50
CA ALA B 276 0.33 -34.21 -7.32
C ALA B 276 -1.10 -34.70 -7.13
N LEU B 277 -2.07 -33.87 -7.49
CA LEU B 277 -3.49 -34.21 -7.37
C LEU B 277 -4.08 -34.96 -8.55
N LEU B 278 -3.69 -34.57 -9.76
CA LEU B 278 -4.27 -35.12 -10.99
C LEU B 278 -3.37 -36.13 -11.70
N GLY B 279 -2.06 -36.03 -11.50
CA GLY B 279 -1.09 -36.84 -12.21
C GLY B 279 -0.61 -35.96 -13.35
N LEU B 280 0.58 -36.26 -13.89
CA LEU B 280 1.13 -35.44 -14.98
C LEU B 280 0.25 -35.24 -16.19
N GLU B 281 -0.31 -36.34 -16.71
CA GLU B 281 -1.12 -36.26 -17.92
C GLU B 281 -2.37 -35.40 -17.81
N GLN B 282 -3.09 -35.56 -16.69
N GLN B 282 -3.11 -35.55 -16.72
CA GLN B 282 -4.32 -34.81 -16.46
CA GLN B 282 -4.32 -34.76 -16.50
C GLN B 282 -4.06 -33.35 -16.07
C GLN B 282 -4.01 -33.31 -16.22
N ALA B 283 -2.84 -33.04 -15.65
CA ALA B 283 -2.43 -31.66 -15.35
C ALA B 283 -2.16 -30.98 -16.70
N ARG B 284 -1.51 -31.70 -17.62
CA ARG B 284 -1.30 -31.19 -18.97
C ARG B 284 -2.64 -30.94 -19.65
N LYS B 285 -3.59 -31.85 -19.45
CA LYS B 285 -4.93 -31.70 -20.00
C LYS B 285 -5.58 -30.41 -19.45
N LYS B 286 -5.43 -30.22 -18.13
CA LYS B 286 -5.96 -29.04 -17.42
C LYS B 286 -5.49 -27.73 -18.04
N ALA B 287 -4.17 -27.59 -18.25
CA ALA B 287 -3.62 -26.41 -18.86
C ALA B 287 -4.22 -26.18 -20.24
N ARG B 288 -4.43 -27.26 -20.97
CA ARG B 288 -4.98 -27.19 -22.31
C ARG B 288 -6.45 -26.72 -22.22
N ASP B 289 -7.20 -27.30 -21.29
CA ASP B 289 -8.59 -26.88 -21.03
C ASP B 289 -8.71 -25.37 -20.68
N LEU B 290 -7.78 -24.86 -19.86
CA LEU B 290 -7.81 -23.47 -19.41
C LEU B 290 -7.48 -22.50 -20.53
N ILE B 291 -6.57 -22.93 -21.42
CA ILE B 291 -6.20 -22.10 -22.55
C ILE B 291 -7.36 -22.08 -23.55
N ASP B 292 -8.08 -23.21 -23.68
CA ASP B 292 -9.26 -23.25 -24.51
C ASP B 292 -10.29 -22.24 -23.97
N ASP B 293 -10.42 -22.17 -22.64
CA ASP B 293 -11.31 -21.22 -22.01
C ASP B 293 -10.88 -19.79 -22.33
N ALA B 294 -9.57 -19.56 -22.32
CA ALA B 294 -9.02 -18.24 -22.63
C ALA B 294 -9.34 -17.84 -24.09
N ARG B 295 -9.17 -18.80 -25.01
CA ARG B 295 -9.43 -18.56 -26.41
C ARG B 295 -10.90 -18.29 -26.68
N GLN B 296 -11.79 -18.96 -25.93
CA GLN B 296 -13.22 -18.71 -26.09
C GLN B 296 -13.53 -17.28 -25.73
N ALA B 297 -12.90 -16.80 -24.65
CA ALA B 297 -13.07 -15.42 -24.21
C ALA B 297 -12.61 -14.51 -25.33
N LEU B 298 -11.40 -14.72 -25.84
CA LEU B 298 -10.89 -13.90 -26.94
C LEU B 298 -11.77 -13.93 -28.19
N LYS B 299 -12.43 -15.05 -28.42
CA LYS B 299 -13.34 -15.21 -29.56
C LYS B 299 -14.44 -14.16 -29.46
N GLN B 300 -14.97 -13.96 -28.26
CA GLN B 300 -16.02 -12.96 -28.02
C GLN B 300 -15.52 -11.55 -28.29
N LEU B 301 -14.25 -11.30 -27.96
CA LEU B 301 -13.68 -9.97 -28.16
C LEU B 301 -13.46 -9.70 -29.65
N ALA B 302 -13.00 -10.72 -30.38
CA ALA B 302 -12.76 -10.61 -31.81
C ALA B 302 -14.06 -10.30 -32.55
N GLU B 303 -15.17 -10.81 -32.01
CA GLU B 303 -16.51 -10.59 -32.56
C GLU B 303 -17.01 -9.16 -32.30
N GLN B 304 -16.27 -8.42 -31.49
CA GLN B 304 -16.57 -7.02 -31.18
C GLN B 304 -15.56 -6.13 -31.90
N SER B 305 -14.95 -6.70 -32.95
CA SER B 305 -13.93 -6.05 -33.79
C SER B 305 -12.67 -5.54 -33.07
N LEU B 306 -12.25 -6.27 -32.04
CA LEU B 306 -11.04 -5.94 -31.27
C LEU B 306 -9.87 -6.80 -31.73
N ASP B 307 -8.68 -6.21 -31.78
CA ASP B 307 -7.48 -6.93 -32.18
C ASP B 307 -6.95 -7.75 -31.00
N THR B 308 -7.24 -9.05 -31.00
CA THR B 308 -6.80 -9.94 -29.93
C THR B 308 -5.43 -10.58 -30.18
N SER B 309 -4.71 -10.13 -31.20
CA SER B 309 -3.45 -10.80 -31.55
C SER B 309 -2.40 -10.95 -30.45
N ALA B 310 -2.20 -9.92 -29.63
CA ALA B 310 -1.21 -10.00 -28.54
C ALA B 310 -1.67 -10.95 -27.43
N LEU B 311 -2.95 -10.91 -27.09
CA LEU B 311 -3.53 -11.77 -26.06
C LEU B 311 -3.58 -13.24 -26.49
N GLU B 312 -3.75 -13.42 -27.80
CA GLU B 312 -3.75 -14.73 -28.43
C GLU B 312 -2.30 -15.26 -28.45
N ALA B 313 -1.34 -14.39 -28.75
CA ALA B 313 0.09 -14.72 -28.76
C ALA B 313 0.52 -15.21 -27.36
N LEU B 314 -0.01 -14.55 -26.32
CA LEU B 314 0.26 -14.98 -24.94
C LEU B 314 -0.31 -16.38 -24.61
N ALA B 315 -1.56 -16.65 -25.00
CA ALA B 315 -2.14 -17.96 -24.79
C ALA B 315 -1.30 -19.01 -25.52
N ASP B 316 -0.82 -18.65 -26.71
CA ASP B 316 0.03 -19.51 -27.51
C ASP B 316 1.36 -19.81 -26.79
N TYR B 317 1.98 -18.78 -26.23
CA TYR B 317 3.23 -18.95 -25.49
C TYR B 317 3.07 -19.88 -24.29
N ILE B 318 1.96 -19.72 -23.58
CA ILE B 318 1.71 -20.53 -22.39
C ILE B 318 1.51 -21.99 -22.73
N ILE B 319 0.75 -22.27 -23.78
CA ILE B 319 0.47 -23.65 -24.06
C ILE B 319 1.61 -24.41 -24.71
N GLN B 320 2.57 -23.69 -25.28
CA GLN B 320 3.72 -24.32 -25.90
C GLN B 320 4.80 -24.64 -24.86
N ARG B 321 4.61 -24.10 -23.65
CA ARG B 321 5.48 -24.33 -22.51
C ARG B 321 5.45 -25.84 -22.19
N ASN B 322 6.57 -26.36 -21.69
CA ASN B 322 6.72 -27.78 -21.30
C ASN B 322 6.46 -28.78 -22.42
P PO4 C . -0.59 4.92 19.36
O1 PO4 C . 0.80 5.41 19.03
O2 PO4 C . -1.35 6.06 19.99
O3 PO4 C . -1.27 4.55 18.08
O4 PO4 C . -0.57 3.73 20.28
P PO4 D . 3.12 7.48 17.70
O1 PO4 D . 3.68 8.49 16.72
O2 PO4 D . 3.74 7.71 19.06
O3 PO4 D . 1.62 7.64 17.79
O4 PO4 D . 3.46 6.08 17.23
P PO4 E . 12.22 7.32 17.16
O1 PO4 E . 13.55 7.96 16.82
O2 PO4 E . 11.62 8.07 18.33
O3 PO4 E . 11.29 7.41 15.98
O4 PO4 E . 12.44 5.87 17.53
P PO4 F . 13.66 17.32 3.22
O1 PO4 F . 14.12 15.90 2.94
O2 PO4 F . 14.27 17.79 4.52
O3 PO4 F . 14.16 18.19 2.09
O4 PO4 F . 12.16 17.43 3.33
P PO4 G . 8.22 18.03 2.50
O1 PO4 G . 8.16 16.68 1.83
O2 PO4 G . 9.02 17.92 3.79
O3 PO4 G . 8.90 19.02 1.56
O4 PO4 G . 6.83 18.54 2.79
P11 IPR H . 0.94 9.55 18.52
O14 IPR H . 1.60 10.08 17.27
O12 IPR H . 1.58 10.04 19.80
O13 IPR H . -0.56 9.65 18.51
O10 IPR H . 1.20 7.95 18.51
P7 IPR H . 2.68 7.32 18.45
O8 IPR H . 2.56 5.82 18.59
O9 IPR H . 3.39 7.87 17.24
O6 IPR H . 3.41 7.91 19.77
C5 IPR H . 3.21 7.35 21.07
C4 IPR H . 4.08 8.10 22.07
C2 IPR H . 3.25 8.66 23.20
C1 IPR H . 3.07 7.97 24.31
C3 IPR H . 2.63 10.03 23.08
P PO4 I . 8.75 -12.71 -12.49
O1 PO4 I . 10.18 -12.88 -12.07
O2 PO4 I . 8.20 -11.38 -11.99
O3 PO4 I . 8.61 -12.74 -13.99
O4 PO4 I . 7.93 -13.80 -11.83
P PO4 J . 5.16 -15.27 -10.85
O1 PO4 J . 5.04 -14.26 -11.96
O2 PO4 J . 3.79 -15.64 -10.34
O3 PO4 J . 5.86 -16.50 -11.37
O4 PO4 J . 5.97 -14.69 -9.71
P11 IPR K . 4.76 -14.35 -13.99
O14 IPR K . 3.85 -13.16 -14.19
O12 IPR K . 4.07 -15.69 -14.07
O13 IPR K . 6.00 -14.25 -14.82
O10 IPR K . 5.28 -14.19 -12.48
P7 IPR K . 5.12 -15.34 -11.37
O8 IPR K . 3.66 -15.40 -10.96
O9 IPR K . 5.80 -16.59 -11.90
O6 IPR K . 5.97 -14.81 -10.09
C5 IPR K . 6.41 -15.69 -9.06
C4 IPR K . 7.83 -16.18 -9.34
C2 IPR K . 8.01 -17.63 -8.97
C1 IPR K . 8.04 -18.56 -9.92
C3 IPR K . 8.19 -18.05 -7.54
#